data_8ZA7
#
_entry.id   8ZA7
#
_cell.length_a   84.020
_cell.length_b   84.020
_cell.length_c   82.810
_cell.angle_alpha   90.00
_cell.angle_beta   90.00
_cell.angle_gamma   120.00
#
_symmetry.space_group_name_H-M   'P 31'
#
loop_
_entity.id
_entity.type
_entity.pdbx_description
1 polymer 'Lmo0067 protein'
2 polymer 'Lmo0066 protein'
3 non-polymer '[(2R,3S,4R,5R)-5-(6-AMINOPURIN-9-YL)-3,4-DIHYDROXY-OXOLAN-2-YL]METHYL[HYDROXY-[[(2R,3S,4R,5S)-3,4,5-TRIHYDROXYOXOLAN-2-YL]METHOXY]PHOSPHORYL] HYDROGEN PHOSPHATE'
4 non-polymer 'MAGNESIUM ION'
5 water water
#
loop_
_entity_poly.entity_id
_entity_poly.type
_entity_poly.pdbx_seq_one_letter_code
_entity_poly.pdbx_strand_id
1 'polypeptide(L)'
;GPLGSMRGQEEIDKEQYQVLFIKERLIPCVLGAVIGDCLGVPVEFKDREYLKQNPIVEMIGYGTYNQPKGTWSDDSSLTF
ALMESLISGYDINRIVNNMVSFMDDGFWTPYGEVFDIGSVTRESLNRYKNGVSVFECGGKDNFDNGNGAIMRIMPLVFYL
GKDFSFGKKNKITEEVTRITHAHPRSILGSYVYIELLQNLFANMDKKLAYEEMQNYIRKNYSDYPFKDELQYYNNILEGN
LYELKESNIKSSGYVVDTLEASIWAFLTTNSYKEAVLKAVNLGGDTDTIAFITGSLAGIYYKMEQIPVNWIDQIAKKEDI
LNLCNRFIESLI
;
A
2 'polypeptide(L)'
;TSLEESEKWGIDGFSVWRNSLSSREIQAIRDYTDIWHYGNMNGYLRGSVEKLAPDNAERIKNLSSALEKAELPDNIILYR
GTSSEILDNFLDLKNLNYQNLVGKTIEEKGFMSTTTISNQTFSGNVTMKINAPKGSKGAYLAHFSETPEEAEVLFNIGQK
MLIKEVTELNGKIEIIVDLL
;
B
#
# COMPACT_ATOMS: atom_id res chain seq x y z
N GLY A 1 5.64 -34.41 -9.05
CA GLY A 1 4.58 -34.76 -9.98
C GLY A 1 4.56 -33.85 -11.19
N PRO A 2 3.47 -33.92 -11.97
CA PRO A 2 3.37 -33.09 -13.18
C PRO A 2 3.49 -31.58 -12.94
N LEU A 3 3.18 -31.08 -11.74
CA LEU A 3 3.39 -29.66 -11.48
C LEU A 3 4.88 -29.34 -11.46
N GLY A 4 5.67 -30.24 -10.88
CA GLY A 4 7.12 -30.13 -10.96
C GLY A 4 7.65 -28.79 -10.46
N SER A 5 8.54 -28.19 -11.25
CA SER A 5 9.21 -26.94 -10.89
C SER A 5 8.24 -25.78 -10.72
N MET A 6 7.02 -25.88 -11.27
CA MET A 6 6.05 -24.80 -11.12
C MET A 6 5.55 -24.68 -9.68
N ARG A 7 5.77 -25.69 -8.85
CA ARG A 7 5.19 -25.69 -7.51
C ARG A 7 5.74 -24.56 -6.67
N GLY A 8 7.05 -24.28 -6.81
CA GLY A 8 7.85 -23.22 -6.15
C GLY A 8 7.41 -21.79 -6.47
N GLN A 9 6.71 -21.61 -7.59
CA GLN A 9 6.47 -20.27 -8.08
C GLN A 9 5.48 -19.55 -7.19
N GLU A 10 4.58 -20.30 -6.56
CA GLU A 10 3.46 -19.68 -5.87
C GLU A 10 3.96 -18.78 -4.73
N GLU A 11 5.01 -19.20 -4.01
CA GLU A 11 5.51 -18.38 -2.90
C GLU A 11 6.16 -17.09 -3.41
N ILE A 12 6.83 -17.16 -4.55
CA ILE A 12 7.41 -15.97 -5.16
C ILE A 12 6.31 -15.05 -5.64
N ASP A 13 5.28 -15.63 -6.27
CA ASP A 13 4.15 -14.83 -6.77
C ASP A 13 3.48 -14.09 -5.64
N LYS A 14 3.22 -14.79 -4.53
CA LYS A 14 2.61 -14.15 -3.37
C LYS A 14 3.42 -12.93 -2.92
N GLU A 15 4.74 -13.07 -2.84
CA GLU A 15 5.60 -11.98 -2.39
C GLU A 15 5.55 -10.80 -3.36
N GLN A 16 5.65 -11.09 -4.65
CA GLN A 16 5.67 -10.04 -5.66
C GLN A 16 4.35 -9.32 -5.73
N TYR A 17 3.23 -10.05 -5.65
CA TYR A 17 1.96 -9.35 -5.68
C TYR A 17 1.70 -8.60 -4.37
N GLN A 18 2.27 -9.05 -3.25
CA GLN A 18 2.20 -8.24 -2.02
C GLN A 18 3.00 -6.94 -2.19
N VAL A 19 4.17 -6.99 -2.81
CA VAL A 19 4.92 -5.75 -3.05
C VAL A 19 4.07 -4.76 -3.82
N LEU A 20 3.40 -5.23 -4.86
CA LEU A 20 2.63 -4.34 -5.70
C LEU A 20 1.44 -3.75 -4.95
N PHE A 21 0.78 -4.57 -4.14
CA PHE A 21 -0.39 -4.13 -3.40
C PHE A 21 0.00 -3.01 -2.45
N ILE A 22 1.08 -3.23 -1.73
CA ILE A 22 1.53 -2.24 -0.77
C ILE A 22 2.02 -0.98 -1.48
N LYS A 23 2.83 -1.17 -2.53
CA LYS A 23 3.43 -0.03 -3.20
C LYS A 23 2.38 0.89 -3.77
N GLU A 24 1.30 0.31 -4.29
CA GLU A 24 0.22 1.06 -4.91
C GLU A 24 -0.47 1.97 -3.91
N ARG A 25 -0.40 1.65 -2.63
CA ARG A 25 -1.04 2.41 -1.57
C ARG A 25 -0.04 3.25 -0.81
N LEU A 26 1.12 2.67 -0.49
CA LEU A 26 2.07 3.36 0.37
C LEU A 26 2.67 4.59 -0.30
N ILE A 27 3.13 4.49 -1.54
CA ILE A 27 3.84 5.59 -2.16
C ILE A 27 2.90 6.80 -2.32
N PRO A 28 1.67 6.66 -2.82
CA PRO A 28 0.83 7.88 -2.92
C PRO A 28 0.34 8.40 -1.57
N CYS A 29 0.22 7.52 -0.57
CA CYS A 29 -0.11 7.99 0.76
C CYS A 29 1.00 8.85 1.34
N VAL A 30 2.24 8.37 1.27
CA VAL A 30 3.37 9.15 1.77
C VAL A 30 3.56 10.43 0.94
N LEU A 31 3.61 10.30 -0.40
CA LEU A 31 3.85 11.49 -1.21
C LEU A 31 2.70 12.47 -1.06
N GLY A 32 1.49 11.95 -0.97
CA GLY A 32 0.33 12.81 -0.85
C GLY A 32 0.34 13.62 0.43
N ALA A 33 0.73 12.98 1.53
CA ALA A 33 0.88 13.66 2.83
C ALA A 33 2.03 14.67 2.79
N VAL A 34 3.20 14.24 2.36
CA VAL A 34 4.37 15.11 2.29
C VAL A 34 4.07 16.35 1.46
N ILE A 35 3.42 16.18 0.32
CA ILE A 35 3.10 17.35 -0.49
C ILE A 35 2.19 18.31 0.27
N GLY A 36 1.22 17.78 1.01
CA GLY A 36 0.37 18.67 1.79
C GLY A 36 1.16 19.47 2.80
N ASP A 37 2.10 18.80 3.49
CA ASP A 37 3.02 19.47 4.41
C ASP A 37 3.77 20.58 3.68
N CYS A 38 4.35 20.27 2.53
CA CYS A 38 5.08 21.28 1.75
C CYS A 38 4.19 22.45 1.36
N LEU A 39 2.93 22.17 0.97
CA LEU A 39 2.03 23.24 0.55
C LEU A 39 1.69 24.15 1.71
N GLY A 40 1.55 23.58 2.91
CA GLY A 40 1.10 24.35 4.04
C GLY A 40 2.15 25.00 4.88
N VAL A 41 3.40 24.49 4.85
CA VAL A 41 4.46 25.07 5.68
C VAL A 41 4.53 26.58 5.53
N PRO A 42 4.56 27.15 4.33
CA PRO A 42 4.78 28.61 4.23
C PRO A 42 3.60 29.45 4.65
N VAL A 43 2.43 28.86 4.90
CA VAL A 43 1.31 29.62 5.40
C VAL A 43 0.86 29.15 6.79
N GLU A 44 1.68 28.37 7.51
CA GLU A 44 1.26 27.96 8.84
C GLU A 44 1.04 29.21 9.71
N PHE A 45 -0.07 29.20 10.43
CA PHE A 45 -0.58 30.21 11.33
C PHE A 45 -1.24 31.38 10.62
N LYS A 46 -1.28 31.41 9.30
CA LYS A 46 -1.97 32.49 8.61
C LYS A 46 -3.47 32.29 8.74
N ASP A 47 -4.20 33.40 8.72
CA ASP A 47 -5.65 33.29 8.94
C ASP A 47 -6.37 32.94 7.65
N ARG A 48 -7.56 32.37 7.82
CA ARG A 48 -8.35 31.91 6.70
C ARG A 48 -8.76 33.05 5.79
N GLU A 49 -8.98 34.23 6.35
CA GLU A 49 -9.46 35.33 5.52
C GLU A 49 -8.35 35.84 4.62
N TYR A 50 -7.11 35.86 5.12
CA TYR A 50 -5.98 36.22 4.27
C TYR A 50 -5.87 35.22 3.13
N LEU A 51 -6.02 33.94 3.42
CA LEU A 51 -5.92 32.92 2.37
C LEU A 51 -7.08 32.98 1.37
N LYS A 52 -8.27 33.45 1.77
CA LYS A 52 -9.32 33.63 0.78
C LYS A 52 -8.91 34.66 -0.26
N GLN A 53 -8.21 35.70 0.16
CA GLN A 53 -7.70 36.71 -0.76
C GLN A 53 -6.42 36.29 -1.48
N ASN A 54 -5.65 35.36 -0.91
CA ASN A 54 -4.37 34.93 -1.45
C ASN A 54 -4.27 33.42 -1.36
N PRO A 55 -5.11 32.70 -2.11
CA PRO A 55 -5.19 31.24 -1.92
C PRO A 55 -3.96 30.51 -2.44
N ILE A 56 -3.62 29.45 -1.74
CA ILE A 56 -2.57 28.53 -2.18
C ILE A 56 -3.13 27.73 -3.34
N VAL A 57 -2.38 27.76 -4.45
CA VAL A 57 -2.66 26.95 -5.64
C VAL A 57 -1.46 26.15 -6.10
N GLU A 58 -0.30 26.29 -5.44
CA GLU A 58 0.99 25.78 -5.86
C GLU A 58 1.91 25.91 -4.66
N MET A 59 3.04 25.23 -4.75
CA MET A 59 4.06 25.40 -3.74
C MET A 59 4.67 26.81 -3.80
N ILE A 60 4.65 27.50 -2.66
CA ILE A 60 5.33 28.78 -2.49
C ILE A 60 6.42 28.65 -1.43
N GLY A 61 7.30 29.64 -1.41
CA GLY A 61 8.44 29.60 -0.53
C GLY A 61 8.58 30.86 0.31
N TYR A 62 9.40 30.73 1.33
CA TYR A 62 9.83 31.86 2.12
C TYR A 62 8.64 32.61 2.69
N GLY A 63 7.79 31.84 3.38
CA GLY A 63 6.76 32.39 4.23
C GLY A 63 7.11 32.05 5.67
N THR A 64 6.16 31.43 6.40
CA THR A 64 6.46 30.97 7.75
C THR A 64 7.69 30.06 7.73
N TYR A 65 8.63 30.31 8.62
CA TYR A 65 9.87 29.58 8.80
C TYR A 65 10.91 29.92 7.74
N ASN A 66 10.57 30.73 6.75
CA ASN A 66 11.49 31.21 5.72
C ASN A 66 12.28 30.09 5.06
N GLN A 67 11.55 29.13 4.46
CA GLN A 67 12.11 27.94 3.84
C GLN A 67 11.86 27.93 2.33
N PRO A 68 12.71 27.26 1.56
CA PRO A 68 12.47 27.11 0.12
C PRO A 68 11.14 26.44 -0.20
N LYS A 69 10.69 26.60 -1.44
CA LYS A 69 9.57 25.78 -1.89
C LYS A 69 9.88 24.29 -1.71
N GLY A 70 8.85 23.52 -1.38
CA GLY A 70 8.99 22.08 -1.28
C GLY A 70 9.63 21.61 0.00
N THR A 71 9.59 22.43 1.03
CA THR A 71 10.18 22.09 2.33
C THR A 71 9.11 21.55 3.25
N TRP A 72 9.27 20.29 3.68
CA TRP A 72 8.38 19.63 4.61
C TRP A 72 8.93 19.76 6.03
N SER A 73 8.06 19.49 7.00
CA SER A 73 8.28 19.92 8.37
C SER A 73 8.33 18.69 9.27
N ASP A 74 8.07 18.89 10.56
CA ASP A 74 8.11 17.81 11.53
C ASP A 74 7.09 16.70 11.21
N ASP A 75 5.96 17.04 10.57
CA ASP A 75 4.98 16.02 10.23
C ASP A 75 5.60 14.93 9.39
N SER A 76 6.25 15.33 8.31
CA SER A 76 6.93 14.37 7.43
C SER A 76 8.16 13.75 8.11
N SER A 77 8.97 14.58 8.78
CA SER A 77 10.16 14.06 9.44
C SER A 77 9.85 12.91 10.40
N LEU A 78 8.87 13.10 11.31
CA LEU A 78 8.56 12.08 12.29
C LEU A 78 7.87 10.89 11.68
N THR A 79 7.15 11.09 10.58
CA THR A 79 6.63 9.94 9.82
C THR A 79 7.77 9.11 9.24
N PHE A 80 8.77 9.78 8.66
CA PHE A 80 9.92 9.05 8.13
C PHE A 80 10.66 8.34 9.26
N ALA A 81 10.78 8.99 10.41
CA ALA A 81 11.46 8.35 11.53
C ALA A 81 10.75 7.09 11.99
N LEU A 82 9.42 7.07 11.94
CA LEU A 82 8.71 5.86 12.27
C LEU A 82 8.91 4.77 11.22
N MET A 83 8.81 5.12 9.94
CA MET A 83 9.12 4.11 8.90
C MET A 83 10.49 3.50 9.08
N GLU A 84 11.48 4.33 9.33
CA GLU A 84 12.83 3.81 9.55
C GLU A 84 12.88 2.82 10.72
N SER A 85 12.21 3.16 11.83
CA SER A 85 12.25 2.27 13.00
C SER A 85 11.56 0.94 12.74
N LEU A 86 10.53 0.94 11.89
CA LEU A 86 9.71 -0.24 11.71
C LEU A 86 10.33 -1.29 10.79
N ILE A 87 11.33 -0.88 10.01
CA ILE A 87 11.92 -1.77 9.03
C ILE A 87 12.43 -3.05 9.69
N SER A 88 13.02 -2.93 10.88
CA SER A 88 13.49 -4.12 11.57
C SER A 88 12.50 -4.65 12.59
N GLY A 89 11.30 -4.11 12.62
CA GLY A 89 10.25 -4.70 13.42
C GLY A 89 9.77 -3.73 14.46
N TYR A 90 8.56 -3.92 14.96
CA TYR A 90 8.01 -2.99 15.95
C TYR A 90 8.78 -3.09 17.25
N ASP A 91 9.26 -1.95 17.74
CA ASP A 91 9.97 -1.87 19.01
C ASP A 91 9.84 -0.45 19.52
N ILE A 92 9.03 -0.26 20.58
CA ILE A 92 8.73 1.10 21.03
C ILE A 92 9.99 1.87 21.42
N ASN A 93 11.03 1.19 21.88
CA ASN A 93 12.20 1.94 22.26
C ASN A 93 13.02 2.41 21.08
N ARG A 94 12.99 1.68 19.96
CA ARG A 94 13.61 2.20 18.74
C ARG A 94 12.80 3.35 18.16
N ILE A 95 11.47 3.32 18.31
CA ILE A 95 10.65 4.42 17.79
C ILE A 95 11.00 5.72 18.50
N VAL A 96 10.98 5.72 19.83
CA VAL A 96 11.27 6.97 20.53
C VAL A 96 12.72 7.40 20.30
N ASN A 97 13.65 6.45 20.20
CA ASN A 97 15.03 6.77 19.88
C ASN A 97 15.13 7.58 18.58
N ASN A 98 14.44 7.12 17.53
CA ASN A 98 14.52 7.87 16.27
C ASN A 98 13.89 9.26 16.39
N MET A 99 12.85 9.40 17.23
CA MET A 99 12.24 10.73 17.38
C MET A 99 13.20 11.68 18.08
N VAL A 100 13.94 11.17 19.06
CA VAL A 100 14.95 12.01 19.71
C VAL A 100 16.04 12.38 18.72
N SER A 101 16.40 11.47 17.80
CA SER A 101 17.42 11.83 16.82
C SER A 101 16.94 12.91 15.87
N PHE A 102 15.66 12.91 15.51
CA PHE A 102 15.14 14.04 14.74
C PHE A 102 15.34 15.35 15.52
N MET A 103 14.86 15.37 16.75
CA MET A 103 14.91 16.58 17.56
C MET A 103 16.33 17.07 17.77
N ASP A 104 17.23 16.17 18.18
CA ASP A 104 18.58 16.56 18.60
C ASP A 104 19.52 16.78 17.41
N ASP A 105 19.43 15.90 16.41
CA ASP A 105 20.44 15.82 15.36
C ASP A 105 19.90 16.07 13.96
N GLY A 106 18.63 16.40 13.82
CA GLY A 106 18.12 16.65 12.51
C GLY A 106 18.00 15.43 11.64
N PHE A 107 17.90 14.26 12.23
CA PHE A 107 17.61 13.04 11.47
C PHE A 107 16.34 13.26 10.66
N TRP A 108 16.44 12.97 9.35
CA TRP A 108 15.32 13.08 8.41
C TRP A 108 14.67 14.46 8.41
N THR A 109 15.52 15.49 8.33
CA THR A 109 15.10 16.84 8.01
C THR A 109 15.47 17.15 6.57
N PRO A 110 14.85 18.17 5.97
CA PRO A 110 15.10 18.41 4.55
C PRO A 110 16.49 18.92 4.26
N TYR A 111 17.06 19.76 5.13
CA TYR A 111 18.38 20.34 4.89
C TYR A 111 19.28 20.18 6.10
N GLY A 112 18.93 19.28 7.00
CA GLY A 112 19.75 18.98 8.15
C GLY A 112 19.42 19.72 9.41
N GLU A 113 18.44 20.63 9.37
CA GLU A 113 18.10 21.46 10.49
C GLU A 113 16.65 21.24 10.87
N VAL A 114 16.39 21.25 12.17
CA VAL A 114 15.03 21.24 12.70
C VAL A 114 14.54 22.68 12.71
N PHE A 115 13.65 23.03 11.78
CA PHE A 115 13.12 24.39 11.79
C PHE A 115 11.79 24.47 12.52
N ASP A 116 11.19 23.34 12.87
CA ASP A 116 9.96 23.37 13.66
C ASP A 116 9.70 22.01 14.28
N ILE A 117 9.23 22.07 15.53
CA ILE A 117 8.81 20.91 16.28
C ILE A 117 7.74 21.44 17.23
N GLY A 118 6.74 20.61 17.50
CA GLY A 118 5.66 21.03 18.38
C GLY A 118 6.09 21.04 19.83
N SER A 119 5.38 21.84 20.63
CA SER A 119 5.80 22.03 22.02
C SER A 119 5.53 20.79 22.87
N VAL A 120 4.34 20.20 22.77
CA VAL A 120 4.07 18.94 23.46
C VAL A 120 5.10 17.88 23.08
N THR A 121 5.39 17.78 21.79
CA THR A 121 6.37 16.82 21.33
C THR A 121 7.74 17.06 21.97
N ARG A 122 8.21 18.29 21.91
CA ARG A 122 9.53 18.60 22.47
C ARG A 122 9.57 18.33 23.96
N GLU A 123 8.56 18.80 24.69
CA GLU A 123 8.56 18.59 26.14
C GLU A 123 8.55 17.10 26.46
N SER A 124 7.83 16.30 25.68
CA SER A 124 7.73 14.89 25.99
C SER A 124 9.04 14.17 25.71
N LEU A 125 9.69 14.51 24.59
CA LEU A 125 10.95 13.84 24.26
C LEU A 125 12.05 14.24 25.23
N ASN A 126 12.04 15.50 25.67
CA ASN A 126 12.99 15.93 26.70
C ASN A 126 12.82 15.16 28.01
N ARG A 127 11.57 14.89 28.41
CA ARG A 127 11.36 14.02 29.56
C ARG A 127 11.97 12.63 29.34
N TYR A 128 11.84 12.06 28.14
CA TYR A 128 12.40 10.73 27.91
C TYR A 128 13.91 10.74 28.03
N LYS A 129 14.53 11.80 27.54
CA LYS A 129 15.97 11.92 27.60
C LYS A 129 16.45 11.94 29.04
N ASN A 130 15.60 12.37 29.97
CA ASN A 130 15.96 12.49 31.37
C ASN A 130 15.61 11.27 32.19
N GLY A 131 15.05 10.21 31.63
CA GLY A 131 14.78 8.99 32.34
C GLY A 131 13.34 8.63 32.50
N VAL A 132 12.43 9.51 32.10
CA VAL A 132 11.02 9.16 32.16
C VAL A 132 10.76 8.06 31.13
N SER A 133 10.09 6.98 31.55
CA SER A 133 9.93 5.87 30.65
C SER A 133 9.03 6.25 29.48
N VAL A 134 9.11 5.44 28.42
CA VAL A 134 8.37 5.74 27.21
C VAL A 134 6.88 5.62 27.44
N PHE A 135 6.48 4.98 28.53
CA PHE A 135 5.08 4.86 28.88
C PHE A 135 4.61 5.98 29.79
N GLU A 136 5.50 6.90 30.18
CA GLU A 136 5.14 7.99 31.08
C GLU A 136 5.58 9.37 30.63
N CYS A 137 6.29 9.50 29.52
CA CYS A 137 6.86 10.77 29.15
C CYS A 137 5.88 11.66 28.38
N GLY A 138 4.78 11.11 27.87
CA GLY A 138 3.87 11.91 27.06
C GLY A 138 3.04 12.88 27.88
N GLY A 139 2.66 13.97 27.23
CA GLY A 139 1.88 15.01 27.91
C GLY A 139 0.46 14.57 28.16
N LYS A 140 -0.02 14.81 29.39
CA LYS A 140 -1.35 14.38 29.81
C LYS A 140 -2.32 15.53 30.11
N ASP A 141 -1.89 16.77 29.99
CA ASP A 141 -2.75 17.91 30.34
C ASP A 141 -3.88 18.05 29.34
N ASN A 142 -4.99 18.63 29.78
CA ASN A 142 -6.11 18.88 28.87
C ASN A 142 -5.70 19.72 27.68
N PHE A 143 -4.68 20.57 27.81
CA PHE A 143 -4.21 21.36 26.69
C PHE A 143 -2.95 20.78 26.06
N ASP A 144 -2.73 19.50 26.27
CA ASP A 144 -1.72 18.76 25.52
C ASP A 144 -2.35 17.99 24.36
N ASN A 145 -3.60 18.29 24.02
CA ASN A 145 -4.33 17.58 22.97
C ASN A 145 -4.10 18.19 21.60
N GLY A 146 -2.84 18.35 21.24
CA GLY A 146 -2.48 18.80 19.92
C GLY A 146 -2.56 17.62 18.94
N ASN A 147 -2.28 17.93 17.68
CA ASN A 147 -2.35 16.97 16.59
C ASN A 147 -1.01 16.32 16.28
N GLY A 148 -0.01 16.47 17.15
CA GLY A 148 1.33 15.98 16.84
C GLY A 148 1.50 14.47 16.85
N ALA A 149 0.55 13.71 17.38
CA ALA A 149 0.63 12.26 17.24
C ALA A 149 -0.08 11.79 15.98
N ILE A 150 -1.23 12.38 15.64
CA ILE A 150 -1.89 11.84 14.44
C ILE A 150 -1.08 12.08 13.19
N MET A 151 -0.20 13.10 13.19
CA MET A 151 0.55 13.43 12.00
C MET A 151 1.70 12.45 11.72
N ARG A 152 1.97 11.49 12.60
CA ARG A 152 3.19 10.69 12.53
C ARG A 152 2.90 9.20 12.68
N ILE A 153 1.65 8.77 12.58
CA ILE A 153 1.32 7.37 12.82
C ILE A 153 0.79 6.62 11.59
N MET A 154 0.72 7.26 10.42
CA MET A 154 0.16 6.57 9.28
C MET A 154 0.95 5.31 8.91
N PRO A 155 2.27 5.23 9.14
CA PRO A 155 2.95 3.98 8.80
C PRO A 155 2.43 2.79 9.59
N LEU A 156 1.79 3.00 10.72
CA LEU A 156 1.23 1.87 11.46
C LEU A 156 0.19 1.08 10.65
N VAL A 157 -0.56 1.76 9.78
CA VAL A 157 -1.54 1.02 9.00
C VAL A 157 -0.85 0.04 8.08
N PHE A 158 0.27 0.45 7.48
CA PHE A 158 1.02 -0.43 6.58
C PHE A 158 1.72 -1.56 7.33
N TYR A 159 2.18 -1.27 8.54
CA TYR A 159 2.79 -2.31 9.38
C TYR A 159 1.77 -3.38 9.72
N LEU A 160 0.53 -2.99 9.99
CA LEU A 160 -0.51 -3.96 10.31
C LEU A 160 -0.88 -4.74 9.06
N GLY A 161 -0.86 -4.08 7.90
CA GLY A 161 -1.15 -4.80 6.67
C GLY A 161 -2.55 -5.40 6.67
N LYS A 162 -2.65 -6.67 6.27
CA LYS A 162 -3.95 -7.30 6.17
C LYS A 162 -4.34 -7.96 7.48
N ASP A 163 -3.63 -7.66 8.58
CA ASP A 163 -4.14 -7.94 9.92
C ASP A 163 -5.14 -6.85 10.25
N PHE A 164 -6.43 -7.16 10.08
CA PHE A 164 -7.50 -6.22 10.39
C PHE A 164 -8.15 -6.49 11.73
N SER A 165 -7.48 -7.23 12.60
CA SER A 165 -8.04 -7.52 13.90
C SER A 165 -7.79 -6.36 14.86
N PHE A 166 -8.45 -6.44 16.00
CA PHE A 166 -8.46 -5.36 16.99
C PHE A 166 -7.20 -5.28 17.83
N GLY A 167 -6.68 -6.43 18.29
CA GLY A 167 -5.77 -6.42 19.43
C GLY A 167 -4.47 -5.71 19.18
N LYS A 168 -3.75 -6.11 18.12
CA LYS A 168 -2.46 -5.51 17.85
C LYS A 168 -2.60 -4.03 17.50
N LYS A 169 -3.58 -3.72 16.64
CA LYS A 169 -3.86 -2.33 16.28
C LYS A 169 -4.11 -1.48 17.52
N ASN A 170 -4.99 -1.95 18.39
CA ASN A 170 -5.33 -1.22 19.61
C ASN A 170 -4.10 -0.95 20.45
N LYS A 171 -3.21 -1.93 20.57
CA LYS A 171 -2.05 -1.76 21.43
C LYS A 171 -1.06 -0.78 20.83
N ILE A 172 -0.66 -0.99 19.57
CA ILE A 172 0.46 -0.21 19.06
C ILE A 172 0.05 1.23 18.81
N THR A 173 -1.21 1.46 18.41
CA THR A 173 -1.65 2.82 18.16
C THR A 173 -1.60 3.63 19.44
N GLU A 174 -2.07 3.03 20.54
CA GLU A 174 -1.94 3.69 21.86
C GLU A 174 -0.48 3.91 22.24
N GLU A 175 0.34 2.87 22.15
CA GLU A 175 1.72 2.97 22.60
C GLU A 175 2.48 4.06 21.86
N VAL A 176 2.33 4.10 20.54
CA VAL A 176 3.08 5.07 19.75
C VAL A 176 2.56 6.49 19.96
N THR A 177 1.24 6.63 20.12
CA THR A 177 0.67 7.95 20.40
C THR A 177 1.16 8.50 21.73
N ARG A 178 1.18 7.66 22.74
CA ARG A 178 1.43 8.06 24.12
C ARG A 178 2.85 8.53 24.34
N ILE A 179 3.76 8.24 23.42
CA ILE A 179 5.10 8.81 23.55
C ILE A 179 5.04 10.32 23.75
N THR A 180 4.16 10.99 23.00
CA THR A 180 4.03 12.42 23.13
C THR A 180 2.67 12.87 23.63
N HIS A 181 1.58 12.20 23.26
CA HIS A 181 0.22 12.66 23.52
C HIS A 181 -0.46 11.58 24.34
N ALA A 182 -0.51 11.77 25.68
CA ALA A 182 -1.00 10.71 26.54
C ALA A 182 -2.41 10.96 27.07
N HIS A 183 -3.03 12.09 26.70
CA HIS A 183 -4.41 12.31 27.11
C HIS A 183 -5.36 11.40 26.32
N PRO A 184 -6.36 10.82 26.99
CA PRO A 184 -7.27 9.90 26.28
C PRO A 184 -7.99 10.53 25.12
N ARG A 185 -8.23 11.84 25.16
CA ARG A 185 -8.83 12.51 24.01
C ARG A 185 -7.95 12.37 22.80
N SER A 186 -6.63 12.52 22.99
CA SER A 186 -5.71 12.37 21.86
C SER A 186 -5.61 10.92 21.40
N ILE A 187 -5.55 9.98 22.34
CA ILE A 187 -5.49 8.57 21.95
C ILE A 187 -6.71 8.19 21.14
N LEU A 188 -7.89 8.63 21.57
CA LEU A 188 -9.09 8.32 20.80
C LEU A 188 -8.98 8.87 19.39
N GLY A 189 -8.45 10.09 19.26
CA GLY A 189 -8.20 10.64 17.93
C GLY A 189 -7.33 9.75 17.07
N SER A 190 -6.26 9.23 17.65
CA SER A 190 -5.43 8.31 16.89
C SER A 190 -6.22 7.10 16.41
N TYR A 191 -7.10 6.54 17.25
CA TYR A 191 -7.85 5.37 16.81
C TYR A 191 -8.79 5.74 15.64
N VAL A 192 -9.40 6.92 15.71
CA VAL A 192 -10.24 7.40 14.63
C VAL A 192 -9.46 7.47 13.31
N TYR A 193 -8.27 8.07 13.35
CA TYR A 193 -7.52 8.25 12.12
C TYR A 193 -7.04 6.93 11.56
N ILE A 194 -6.46 6.09 12.41
CA ILE A 194 -5.99 4.79 11.98
C ILE A 194 -7.11 3.96 11.36
N GLU A 195 -8.30 4.01 11.97
CA GLU A 195 -9.40 3.19 11.47
C GLU A 195 -9.84 3.66 10.08
N LEU A 196 -9.97 4.97 9.89
CA LEU A 196 -10.34 5.50 8.59
C LEU A 196 -9.30 5.17 7.53
N LEU A 197 -8.03 5.39 7.85
CA LEU A 197 -6.97 5.12 6.90
C LEU A 197 -6.91 3.62 6.58
N GLN A 198 -7.09 2.78 7.61
CA GLN A 198 -7.11 1.33 7.36
C GLN A 198 -8.25 0.92 6.43
N ASN A 199 -9.42 1.53 6.59
CA ASN A 199 -10.57 1.21 5.75
C ASN A 199 -10.34 1.64 4.31
N LEU A 200 -9.61 2.73 4.10
CA LEU A 200 -9.27 3.15 2.75
C LEU A 200 -8.20 2.21 2.17
N PHE A 201 -7.19 1.84 2.97
CA PHE A 201 -6.22 0.81 2.59
C PHE A 201 -6.88 -0.47 2.12
N ALA A 202 -7.97 -0.87 2.78
CA ALA A 202 -8.75 -2.07 2.50
C ALA A 202 -9.70 -1.97 1.29
N ASN A 203 -9.69 -0.84 0.59
CA ASN A 203 -10.37 -0.58 -0.66
C ASN A 203 -11.83 -0.17 -0.51
N MET A 204 -12.22 0.35 0.65
CA MET A 204 -13.57 0.81 0.80
C MET A 204 -13.75 2.17 0.10
N ASP A 205 -14.95 2.39 -0.46
CA ASP A 205 -15.26 3.72 -0.99
C ASP A 205 -15.24 4.68 0.20
N LYS A 206 -15.00 5.97 -0.05
CA LYS A 206 -14.65 6.84 1.07
C LYS A 206 -15.81 7.02 2.05
N LYS A 207 -17.04 7.08 1.56
CA LYS A 207 -18.16 7.23 2.50
C LYS A 207 -18.36 5.99 3.33
N LEU A 208 -18.21 4.81 2.74
CA LEU A 208 -18.31 3.58 3.53
C LEU A 208 -17.19 3.50 4.56
N ALA A 209 -15.99 3.89 4.17
CA ALA A 209 -14.84 3.88 5.07
C ALA A 209 -15.09 4.73 6.29
N TYR A 210 -15.67 5.90 6.07
CA TYR A 210 -16.09 6.83 7.12
C TYR A 210 -17.18 6.21 7.98
N GLU A 211 -18.22 5.65 7.36
CA GLU A 211 -19.33 5.12 8.13
C GLU A 211 -18.90 3.91 8.96
N GLU A 212 -18.08 3.04 8.37
CA GLU A 212 -17.61 1.88 9.12
C GLU A 212 -16.73 2.30 10.29
N MET A 213 -15.89 3.33 10.10
CA MET A 213 -15.10 3.84 11.22
C MET A 213 -15.99 4.35 12.35
N GLN A 214 -17.08 5.04 12.03
CA GLN A 214 -17.93 5.58 13.09
C GLN A 214 -18.48 4.44 13.95
N ASN A 215 -18.96 3.38 13.30
CA ASN A 215 -19.54 2.26 14.04
C ASN A 215 -18.48 1.55 14.86
N TYR A 216 -17.29 1.39 14.29
CA TYR A 216 -16.21 0.70 14.98
C TYR A 216 -15.77 1.43 16.24
N ILE A 217 -15.56 2.74 16.13
CA ILE A 217 -15.11 3.52 17.29
C ILE A 217 -16.17 3.51 18.39
N ARG A 218 -17.44 3.69 18.01
CA ARG A 218 -18.48 3.66 19.04
C ARG A 218 -18.53 2.29 19.70
N LYS A 219 -18.36 1.22 18.92
CA LYS A 219 -18.43 -0.14 19.47
C LYS A 219 -17.30 -0.40 20.45
N ASN A 220 -16.08 0.01 20.12
CA ASN A 220 -14.91 -0.42 20.89
C ASN A 220 -14.41 0.58 21.92
N TYR A 221 -14.83 1.84 21.86
CA TYR A 221 -14.24 2.85 22.72
C TYR A 221 -15.29 3.63 23.47
N SER A 222 -16.31 2.92 23.98
CA SER A 222 -17.37 3.52 24.77
C SER A 222 -17.21 3.24 26.26
N ASP A 223 -16.10 2.66 26.67
CA ASP A 223 -15.81 2.41 28.11
C ASP A 223 -14.70 3.36 28.56
N TYR A 224 -14.55 3.52 29.87
CA TYR A 224 -13.51 4.35 30.43
C TYR A 224 -12.16 3.87 29.92
N PRO A 225 -11.24 4.78 29.54
CA PRO A 225 -11.20 6.24 29.69
C PRO A 225 -11.75 7.02 28.49
N PHE A 226 -12.36 6.34 27.54
CA PHE A 226 -12.83 6.99 26.30
C PHE A 226 -14.28 7.40 26.29
N LYS A 227 -15.11 6.78 27.13
CA LYS A 227 -16.53 7.11 27.19
C LYS A 227 -16.76 8.60 27.35
N ASP A 228 -16.01 9.25 28.24
CA ASP A 228 -16.19 10.67 28.49
C ASP A 228 -15.58 11.54 27.42
N GLU A 229 -14.78 10.98 26.52
CA GLU A 229 -14.16 11.75 25.45
C GLU A 229 -14.94 11.69 24.16
N LEU A 230 -15.84 10.72 24.00
CA LEU A 230 -16.59 10.62 22.75
C LEU A 230 -17.33 11.90 22.40
N GLN A 231 -17.83 12.64 23.39
CA GLN A 231 -18.62 13.85 23.13
C GLN A 231 -17.84 14.88 22.30
N TYR A 232 -16.51 14.95 22.50
CA TYR A 232 -15.72 15.91 21.76
C TYR A 232 -15.61 15.51 20.30
N TYR A 233 -15.91 14.25 19.98
CA TYR A 233 -15.84 13.73 18.62
C TYR A 233 -17.21 13.61 17.96
N ASN A 234 -18.21 14.33 18.46
CA ASN A 234 -19.57 14.12 17.99
C ASN A 234 -19.75 14.49 16.54
N ASN A 235 -19.07 15.53 16.06
CA ASN A 235 -19.22 15.92 14.65
C ASN A 235 -18.62 14.86 13.72
N ILE A 236 -17.62 14.13 14.20
CA ILE A 236 -17.05 13.07 13.38
C ILE A 236 -17.82 11.77 13.51
N LEU A 237 -18.13 11.40 14.75
CA LEU A 237 -18.67 10.08 15.05
C LEU A 237 -20.17 9.99 14.96
N GLU A 238 -20.88 11.11 15.01
CA GLU A 238 -22.36 11.13 14.92
C GLU A 238 -22.75 12.03 13.74
N GLY A 239 -23.72 11.60 12.95
CA GLY A 239 -24.16 12.38 11.77
C GLY A 239 -23.17 12.35 10.63
N ASN A 240 -23.23 13.29 9.69
CA ASN A 240 -22.38 13.29 8.49
C ASN A 240 -21.48 14.53 8.52
N LEU A 241 -20.22 14.36 8.82
CA LEU A 241 -19.27 15.46 8.76
C LEU A 241 -19.34 16.17 7.42
N TYR A 242 -19.54 15.42 6.35
CA TYR A 242 -19.52 16.08 5.06
C TYR A 242 -20.71 17.02 4.82
N GLU A 243 -21.68 17.13 5.74
CA GLU A 243 -22.73 18.13 5.62
C GLU A 243 -22.36 19.45 6.26
N LEU A 244 -21.23 19.53 6.96
CA LEU A 244 -20.82 20.78 7.56
C LEU A 244 -20.37 21.79 6.49
N LYS A 245 -20.58 23.07 6.81
CA LYS A 245 -20.12 24.16 5.98
C LYS A 245 -18.75 24.64 6.45
N GLU A 246 -18.00 25.23 5.53
CA GLU A 246 -16.68 25.76 5.89
C GLU A 246 -16.72 26.60 7.15
N SER A 247 -17.75 27.43 7.32
CA SER A 247 -17.80 28.32 8.47
C SER A 247 -17.94 27.55 9.79
N ASN A 248 -18.32 26.28 9.73
CA ASN A 248 -18.40 25.42 10.90
C ASN A 248 -17.10 24.66 11.14
N ILE A 249 -16.14 24.75 10.23
CA ILE A 249 -14.88 24.02 10.33
C ILE A 249 -13.84 24.91 11.01
N LYS A 250 -13.21 24.39 12.06
CA LYS A 250 -12.12 25.03 12.78
C LYS A 250 -10.82 24.35 12.41
N SER A 251 -9.75 25.12 12.23
CA SER A 251 -8.52 24.56 11.68
C SER A 251 -7.31 24.87 12.55
N SER A 252 -7.48 24.81 13.87
CA SER A 252 -6.37 24.91 14.80
C SER A 252 -5.67 23.56 14.94
N GLY A 253 -4.55 23.56 15.69
CA GLY A 253 -3.79 22.36 15.99
C GLY A 253 -4.41 21.44 16.99
N TYR A 254 -5.53 21.82 17.61
CA TYR A 254 -6.31 20.91 18.44
C TYR A 254 -6.62 19.63 17.67
N VAL A 255 -6.44 18.49 18.33
CA VAL A 255 -6.58 17.22 17.62
C VAL A 255 -7.99 17.06 17.07
N VAL A 256 -9.02 17.55 17.78
CA VAL A 256 -10.39 17.44 17.26
C VAL A 256 -10.58 18.35 16.05
N ASP A 257 -10.16 19.60 16.15
CA ASP A 257 -10.30 20.51 15.01
C ASP A 257 -9.63 19.92 13.78
N THR A 258 -8.41 19.39 13.99
CA THR A 258 -7.60 18.91 12.87
C THR A 258 -8.23 17.71 12.21
N LEU A 259 -8.75 16.77 13.01
CA LEU A 259 -9.38 15.61 12.38
C LEU A 259 -10.68 15.96 11.68
N GLU A 260 -11.50 16.80 12.30
CA GLU A 260 -12.70 17.33 11.62
C GLU A 260 -12.33 17.96 10.28
N ALA A 261 -11.35 18.85 10.30
CA ALA A 261 -11.04 19.60 9.10
C ALA A 261 -10.48 18.68 8.02
N SER A 262 -9.58 17.78 8.38
CA SER A 262 -8.91 16.99 7.35
C SER A 262 -9.88 15.97 6.75
N ILE A 263 -10.70 15.34 7.60
CA ILE A 263 -11.65 14.36 7.07
C ILE A 263 -12.71 15.07 6.26
N TRP A 264 -13.13 16.25 6.69
CA TRP A 264 -14.08 17.03 5.91
C TRP A 264 -13.54 17.41 4.55
N ALA A 265 -12.30 17.91 4.51
CA ALA A 265 -11.68 18.26 3.25
C ALA A 265 -11.65 17.06 2.30
N PHE A 266 -11.38 15.87 2.82
CA PHE A 266 -11.33 14.66 2.02
C PHE A 266 -12.73 14.24 1.55
N LEU A 267 -13.71 14.26 2.45
CA LEU A 267 -15.02 13.72 2.08
C LEU A 267 -15.78 14.69 1.16
N THR A 268 -15.47 15.99 1.19
CA THR A 268 -16.26 16.96 0.43
C THR A 268 -15.62 17.36 -0.91
N THR A 269 -14.54 16.71 -1.32
CA THR A 269 -13.87 16.98 -2.59
C THR A 269 -13.78 15.67 -3.36
N ASN A 270 -13.34 15.76 -4.64
CA ASN A 270 -13.37 14.62 -5.53
C ASN A 270 -12.06 14.36 -6.27
N SER A 271 -10.97 14.95 -5.82
CA SER A 271 -9.65 14.65 -6.35
C SER A 271 -8.61 14.94 -5.29
N TYR A 272 -7.41 14.40 -5.52
CA TYR A 272 -6.30 14.65 -4.59
C TYR A 272 -5.98 16.14 -4.52
N LYS A 273 -5.80 16.77 -5.69
CA LYS A 273 -5.43 18.18 -5.68
C LYS A 273 -6.50 19.03 -5.00
N GLU A 274 -7.77 18.77 -5.31
CA GLU A 274 -8.83 19.54 -4.66
C GLU A 274 -8.80 19.39 -3.16
N ALA A 275 -8.58 18.16 -2.69
CA ALA A 275 -8.61 17.89 -1.25
C ALA A 275 -7.51 18.65 -0.52
N VAL A 276 -6.27 18.55 -1.02
CA VAL A 276 -5.20 19.13 -0.22
C VAL A 276 -5.22 20.66 -0.30
N LEU A 277 -5.62 21.22 -1.44
CA LEU A 277 -5.73 22.68 -1.52
C LEU A 277 -6.86 23.20 -0.66
N LYS A 278 -7.98 22.49 -0.61
CA LYS A 278 -9.05 22.88 0.31
C LYS A 278 -8.57 22.89 1.75
N ALA A 279 -7.83 21.84 2.15
CA ALA A 279 -7.32 21.76 3.50
C ALA A 279 -6.38 22.92 3.81
N VAL A 280 -5.41 23.16 2.91
CA VAL A 280 -4.42 24.20 3.19
C VAL A 280 -5.08 25.56 3.35
N ASN A 281 -6.08 25.85 2.51
CA ASN A 281 -6.68 27.18 2.52
C ASN A 281 -7.65 27.42 3.66
N LEU A 282 -7.78 26.49 4.59
CA LEU A 282 -8.51 26.78 5.82
C LEU A 282 -7.72 27.64 6.79
N GLY A 283 -6.43 27.81 6.56
CA GLY A 283 -5.61 28.57 7.47
C GLY A 283 -5.37 27.82 8.76
N GLY A 284 -4.68 28.49 9.68
CA GLY A 284 -4.36 27.84 10.92
C GLY A 284 -3.22 26.86 10.80
N ASP A 285 -3.45 25.63 11.25
CA ASP A 285 -2.41 24.59 11.19
C ASP A 285 -2.39 23.94 9.82
N THR A 286 -1.91 24.72 8.86
CA THR A 286 -2.11 24.42 7.45
C THR A 286 -1.26 23.24 7.00
N ASP A 287 -0.01 23.14 7.49
CA ASP A 287 0.84 22.03 7.04
C ASP A 287 0.31 20.69 7.56
N THR A 288 -0.14 20.65 8.80
CA THR A 288 -0.56 19.40 9.42
C THR A 288 -1.94 18.99 8.93
N ILE A 289 -2.88 19.94 8.81
CA ILE A 289 -4.19 19.56 8.29
C ILE A 289 -4.04 19.10 6.86
N ALA A 290 -3.16 19.73 6.09
CA ALA A 290 -2.98 19.29 4.72
C ALA A 290 -2.20 17.97 4.63
N PHE A 291 -1.25 17.73 5.53
CA PHE A 291 -0.59 16.42 5.57
C PHE A 291 -1.58 15.28 5.82
N ILE A 292 -2.44 15.44 6.83
CA ILE A 292 -3.43 14.43 7.16
C ILE A 292 -4.40 14.23 6.00
N THR A 293 -4.93 15.32 5.46
CA THR A 293 -5.80 15.19 4.29
C THR A 293 -5.07 14.49 3.16
N GLY A 294 -3.80 14.87 2.91
CA GLY A 294 -3.06 14.28 1.81
C GLY A 294 -2.77 12.80 1.98
N SER A 295 -2.58 12.34 3.23
CA SER A 295 -2.47 10.90 3.47
C SER A 295 -3.76 10.17 3.08
N LEU A 296 -4.91 10.76 3.42
CA LEU A 296 -6.19 10.11 3.12
C LEU A 296 -6.45 10.15 1.62
N ALA A 297 -6.29 11.33 1.02
CA ALA A 297 -6.54 11.43 -0.43
C ALA A 297 -5.53 10.66 -1.23
N GLY A 298 -4.26 10.70 -0.80
CA GLY A 298 -3.22 9.97 -1.49
C GLY A 298 -3.49 8.48 -1.56
N ILE A 299 -3.78 7.87 -0.43
CA ILE A 299 -4.06 6.43 -0.50
C ILE A 299 -5.31 6.12 -1.27
N TYR A 300 -6.26 7.05 -1.33
CA TYR A 300 -7.54 6.76 -1.96
C TYR A 300 -7.46 6.90 -3.47
N TYR A 301 -6.97 8.06 -3.93
CA TYR A 301 -6.94 8.33 -5.37
C TYR A 301 -5.72 7.74 -6.06
N LYS A 302 -4.62 7.54 -5.33
CA LYS A 302 -3.43 6.84 -5.76
C LYS A 302 -2.64 7.63 -6.79
N MET A 303 -1.59 7.01 -7.33
CA MET A 303 -0.52 7.81 -7.93
C MET A 303 -0.97 8.64 -9.12
N GLU A 304 -1.98 8.18 -9.88
CA GLU A 304 -2.30 8.95 -11.08
C GLU A 304 -2.84 10.32 -10.75
N GLN A 305 -3.28 10.58 -9.51
CA GLN A 305 -3.85 11.87 -9.15
C GLN A 305 -2.88 12.76 -8.39
N ILE A 306 -1.64 12.34 -8.17
CA ILE A 306 -0.66 13.14 -7.48
C ILE A 306 0.15 13.91 -8.53
N PRO A 307 0.03 15.23 -8.60
CA PRO A 307 0.69 15.99 -9.67
C PRO A 307 2.20 15.82 -9.68
N VAL A 308 2.72 15.44 -10.83
CA VAL A 308 4.16 15.28 -10.98
C VAL A 308 4.90 16.59 -10.72
N ASN A 309 4.26 17.73 -11.06
CA ASN A 309 4.78 19.05 -10.79
C ASN A 309 5.10 19.23 -9.31
N TRP A 310 4.26 18.66 -8.45
CA TRP A 310 4.47 18.76 -6.99
C TRP A 310 5.47 17.72 -6.49
N ILE A 311 5.41 16.49 -7.00
CA ILE A 311 6.36 15.48 -6.58
C ILE A 311 7.79 15.95 -6.83
N ASP A 312 8.01 16.58 -7.98
CA ASP A 312 9.38 16.93 -8.35
C ASP A 312 9.92 18.10 -7.54
N GLN A 313 9.06 18.84 -6.86
CA GLN A 313 9.55 19.93 -6.03
C GLN A 313 9.84 19.52 -4.58
N ILE A 314 9.50 18.29 -4.16
CA ILE A 314 9.71 17.88 -2.78
C ILE A 314 11.20 17.77 -2.47
N ALA A 315 11.64 18.38 -1.37
CA ALA A 315 13.03 18.21 -0.99
C ALA A 315 13.35 16.76 -0.71
N LYS A 316 14.54 16.32 -1.14
CA LYS A 316 15.00 14.94 -0.92
C LYS A 316 14.04 13.88 -1.48
N LYS A 317 13.39 14.17 -2.61
CA LYS A 317 12.43 13.22 -3.17
C LYS A 317 13.03 11.83 -3.35
N GLU A 318 14.24 11.76 -3.89
CA GLU A 318 14.84 10.44 -4.14
C GLU A 318 15.08 9.67 -2.85
N ASP A 319 15.53 10.36 -1.78
CA ASP A 319 15.72 9.66 -0.52
C ASP A 319 14.39 9.17 0.06
N ILE A 320 13.33 9.96 -0.12
CA ILE A 320 12.02 9.54 0.41
C ILE A 320 11.52 8.30 -0.32
N LEU A 321 11.68 8.26 -1.64
CA LEU A 321 11.27 7.09 -2.40
C LEU A 321 12.11 5.87 -2.02
N ASN A 322 13.39 6.06 -1.78
CA ASN A 322 14.22 4.96 -1.30
C ASN A 322 13.76 4.44 0.04
N LEU A 323 13.42 5.34 0.98
CA LEU A 323 12.87 4.89 2.24
C LEU A 323 11.55 4.16 2.05
N CYS A 324 10.69 4.66 1.17
CA CYS A 324 9.45 3.95 0.90
C CYS A 324 9.72 2.52 0.44
N ASN A 325 10.68 2.34 -0.46
CA ASN A 325 10.94 1.02 -1.01
C ASN A 325 11.58 0.11 0.03
N ARG A 326 12.43 0.66 0.91
CA ARG A 326 12.98 -0.16 1.98
C ARG A 326 11.90 -0.58 2.97
N PHE A 327 10.96 0.34 3.28
CA PHE A 327 9.85 -0.01 4.15
C PHE A 327 8.99 -1.10 3.53
N ILE A 328 8.63 -0.95 2.24
CA ILE A 328 7.82 -1.95 1.57
C ILE A 328 8.49 -3.32 1.64
N GLU A 329 9.79 -3.38 1.32
CA GLU A 329 10.53 -4.63 1.38
C GLU A 329 10.43 -5.27 2.75
N SER A 330 10.48 -4.47 3.81
CA SER A 330 10.43 -5.03 5.15
C SER A 330 9.07 -5.59 5.51
N LEU A 331 8.01 -5.22 4.82
CA LEU A 331 6.68 -5.70 5.12
C LEU A 331 6.32 -7.02 4.43
N ILE A 332 7.17 -7.50 3.55
CA ILE A 332 6.83 -8.68 2.76
C ILE A 332 6.91 -9.96 3.55
N THR B 1 -6.19 -34.72 -20.10
CA THR B 1 -6.65 -35.17 -18.76
C THR B 1 -5.62 -36.15 -18.18
N SER B 2 -5.34 -37.28 -18.84
CA SER B 2 -4.29 -38.24 -18.41
C SER B 2 -2.92 -37.67 -18.72
N LEU B 3 -1.89 -38.13 -18.00
CA LEU B 3 -0.51 -37.69 -18.29
C LEU B 3 -0.13 -38.20 -19.67
N GLU B 4 -0.50 -39.45 -19.96
CA GLU B 4 -0.22 -40.05 -21.29
C GLU B 4 -0.88 -39.21 -22.37
N GLU B 5 -2.11 -38.79 -22.17
CA GLU B 5 -2.86 -37.97 -23.16
C GLU B 5 -2.20 -36.60 -23.25
N SER B 6 -1.70 -36.08 -22.15
CA SER B 6 -1.00 -34.78 -22.10
C SER B 6 0.31 -34.86 -22.85
N GLU B 7 1.04 -35.96 -22.71
CA GLU B 7 2.37 -36.11 -23.34
C GLU B 7 2.17 -36.27 -24.85
N LYS B 8 1.20 -37.04 -25.30
CA LYS B 8 0.89 -37.25 -26.73
C LYS B 8 0.50 -35.92 -27.33
N TRP B 9 -0.33 -35.17 -26.61
CA TRP B 9 -0.79 -33.84 -27.06
C TRP B 9 0.43 -32.93 -27.26
N GLY B 10 1.35 -32.95 -26.30
CA GLY B 10 2.57 -32.14 -26.37
C GLY B 10 3.44 -32.51 -27.54
N ILE B 11 3.62 -33.80 -27.79
CA ILE B 11 4.47 -34.30 -28.90
C ILE B 11 3.83 -33.89 -30.22
N ASP B 12 2.56 -34.22 -30.41
CA ASP B 12 1.85 -33.97 -31.68
C ASP B 12 1.81 -32.48 -31.97
N GLY B 13 1.66 -31.65 -30.94
CA GLY B 13 1.47 -30.21 -31.16
C GLY B 13 2.71 -29.36 -31.03
N PHE B 14 3.77 -29.86 -30.41
CA PHE B 14 4.94 -29.00 -30.09
C PHE B 14 6.30 -29.63 -30.43
N SER B 15 6.34 -30.78 -31.09
CA SER B 15 7.62 -31.41 -31.51
C SER B 15 8.32 -30.50 -32.53
N VAL B 16 7.58 -30.00 -33.51
CA VAL B 16 8.16 -29.11 -34.54
C VAL B 16 8.66 -27.85 -33.85
N TRP B 17 7.82 -27.25 -33.02
CA TRP B 17 8.16 -26.01 -32.28
C TRP B 17 9.46 -26.20 -31.52
N ARG B 18 9.59 -27.29 -30.78
CA ARG B 18 10.73 -27.50 -29.90
C ARG B 18 12.01 -27.77 -30.64
N ASN B 19 11.94 -28.58 -31.69
CA ASN B 19 13.15 -28.92 -32.47
C ASN B 19 13.58 -27.71 -33.30
N SER B 20 12.76 -26.66 -33.38
CA SER B 20 13.09 -25.43 -34.14
C SER B 20 13.51 -24.26 -33.23
N LEU B 21 13.69 -24.52 -31.94
CA LEU B 21 14.15 -23.47 -30.99
C LEU B 21 15.66 -23.28 -31.09
N SER B 22 16.13 -22.04 -31.06
CA SER B 22 17.57 -21.73 -31.01
C SER B 22 18.13 -22.23 -29.68
N SER B 23 19.45 -22.36 -29.56
CA SER B 23 20.08 -22.77 -28.29
C SER B 23 19.77 -21.74 -27.20
N ARG B 24 19.72 -20.46 -27.54
CA ARG B 24 19.51 -19.40 -26.52
C ARG B 24 18.04 -19.44 -26.08
N GLU B 25 17.14 -19.78 -26.99
CA GLU B 25 15.71 -19.95 -26.64
C GLU B 25 15.62 -21.11 -25.64
N ILE B 26 16.24 -22.24 -25.94
CA ILE B 26 16.23 -23.44 -25.05
C ILE B 26 16.79 -23.07 -23.68
N GLN B 27 17.93 -22.39 -23.63
CA GLN B 27 18.57 -22.03 -22.34
C GLN B 27 17.63 -21.14 -21.52
N ALA B 28 16.93 -20.22 -22.17
CA ALA B 28 16.00 -19.28 -21.48
C ALA B 28 14.86 -20.07 -20.84
N ILE B 29 14.36 -21.08 -21.54
CA ILE B 29 13.27 -21.95 -21.00
C ILE B 29 13.83 -22.70 -19.79
N ARG B 30 15.02 -23.28 -19.91
CA ARG B 30 15.66 -24.02 -18.79
C ARG B 30 15.88 -23.05 -17.62
N ASP B 31 16.38 -21.86 -17.91
CA ASP B 31 16.65 -20.83 -16.87
C ASP B 31 15.35 -20.53 -16.13
N TYR B 32 14.25 -20.41 -16.84
CA TYR B 32 12.94 -20.05 -16.24
C TYR B 32 12.54 -21.10 -15.18
N THR B 33 12.98 -22.35 -15.33
CA THR B 33 12.64 -23.44 -14.39
C THR B 33 13.44 -23.24 -13.10
N ASP B 34 14.45 -22.37 -13.10
CA ASP B 34 15.23 -22.01 -11.88
C ASP B 34 14.46 -20.90 -11.16
N ILE B 35 14.04 -21.14 -9.91
CA ILE B 35 13.18 -20.18 -9.16
C ILE B 35 13.87 -18.83 -9.01
N TRP B 36 15.19 -18.81 -9.01
CA TRP B 36 15.95 -17.54 -8.93
C TRP B 36 15.73 -16.72 -10.21
N HIS B 37 15.90 -17.33 -11.37
CA HIS B 37 15.67 -16.67 -12.68
C HIS B 37 14.19 -16.29 -12.77
N TYR B 38 13.31 -17.19 -12.35
CA TYR B 38 11.85 -16.96 -12.38
C TYR B 38 11.52 -15.65 -11.67
N GLY B 39 12.03 -15.48 -10.46
CA GLY B 39 11.73 -14.29 -9.66
C GLY B 39 12.23 -13.02 -10.34
N ASN B 40 13.42 -13.06 -10.89
CA ASN B 40 14.01 -11.86 -11.54
C ASN B 40 13.19 -11.52 -12.79
N MET B 41 12.83 -12.50 -13.59
CA MET B 41 12.12 -12.25 -14.86
C MET B 41 10.72 -11.72 -14.57
N ASN B 42 9.94 -12.44 -13.76
CA ASN B 42 8.53 -12.06 -13.51
C ASN B 42 8.47 -10.85 -12.57
N GLY B 43 9.45 -10.67 -11.70
CA GLY B 43 9.47 -9.49 -10.82
C GLY B 43 9.52 -8.22 -11.63
N TYR B 44 10.38 -8.20 -12.64
CA TYR B 44 10.54 -7.02 -13.51
C TYR B 44 9.27 -6.81 -14.33
N LEU B 45 8.76 -7.87 -14.96
CA LEU B 45 7.58 -7.75 -15.84
C LEU B 45 6.38 -7.29 -15.03
N ARG B 46 6.26 -7.73 -13.80
CA ARG B 46 5.10 -7.39 -12.93
C ARG B 46 5.27 -6.00 -12.33
N GLY B 47 6.51 -5.56 -12.16
CA GLY B 47 6.80 -4.21 -11.62
C GLY B 47 7.22 -4.22 -10.16
N SER B 48 7.44 -5.40 -9.59
CA SER B 48 7.92 -5.52 -8.19
C SER B 48 9.40 -5.16 -8.17
N VAL B 49 10.08 -5.35 -9.29
CA VAL B 49 11.52 -4.98 -9.45
C VAL B 49 11.58 -3.86 -10.48
N GLU B 50 12.09 -2.69 -10.11
CA GLU B 50 12.07 -1.50 -10.98
C GLU B 50 13.20 -1.52 -12.01
N LYS B 51 14.38 -1.94 -11.62
CA LYS B 51 15.59 -1.87 -12.48
C LYS B 51 15.64 -3.03 -13.47
N LEU B 52 15.80 -2.74 -14.75
CA LEU B 52 15.94 -3.77 -15.79
C LEU B 52 17.42 -4.06 -16.04
N ALA B 53 17.93 -5.20 -15.55
CA ALA B 53 19.31 -5.63 -15.83
C ALA B 53 19.40 -6.15 -17.27
N PRO B 54 20.40 -5.75 -18.09
CA PRO B 54 20.58 -6.32 -19.43
C PRO B 54 20.46 -7.85 -19.56
N ASP B 55 21.00 -8.62 -18.63
CA ASP B 55 20.98 -10.11 -18.70
C ASP B 55 19.56 -10.63 -18.52
N ASN B 56 18.81 -10.03 -17.62
CA ASN B 56 17.38 -10.37 -17.42
C ASN B 56 16.63 -9.99 -18.69
N ALA B 57 16.96 -8.84 -19.27
CA ALA B 57 16.32 -8.36 -20.52
C ALA B 57 16.51 -9.43 -21.60
N GLU B 58 17.70 -10.00 -21.67
CA GLU B 58 18.04 -10.99 -22.73
C GLU B 58 17.25 -12.30 -22.50
N ARG B 59 17.18 -12.77 -21.26
CA ARG B 59 16.46 -14.01 -20.92
C ARG B 59 14.98 -13.84 -21.27
N ILE B 60 14.39 -12.71 -20.90
CA ILE B 60 12.96 -12.42 -21.19
C ILE B 60 12.78 -12.39 -22.71
N LYS B 61 13.68 -11.73 -23.42
CA LYS B 61 13.59 -11.61 -24.90
C LYS B 61 13.62 -12.99 -25.53
N ASN B 62 14.52 -13.86 -25.09
CA ASN B 62 14.68 -15.20 -25.69
C ASN B 62 13.51 -16.11 -25.31
N LEU B 63 12.97 -15.98 -24.09
CA LEU B 63 11.80 -16.81 -23.70
C LEU B 63 10.59 -16.35 -24.51
N SER B 64 10.40 -15.05 -24.65
CA SER B 64 9.24 -14.50 -25.39
C SER B 64 9.35 -14.87 -26.87
N SER B 65 10.55 -14.80 -27.44
CA SER B 65 10.76 -15.17 -28.86
C SER B 65 10.37 -16.63 -29.04
N ALA B 66 10.74 -17.49 -28.09
CA ALA B 66 10.39 -18.90 -28.14
C ALA B 66 8.86 -19.05 -28.14
N LEU B 67 8.19 -18.48 -27.16
CA LEU B 67 6.73 -18.68 -27.00
C LEU B 67 5.94 -18.02 -28.13
N GLU B 68 6.47 -16.98 -28.78
CA GLU B 68 5.78 -16.26 -29.88
C GLU B 68 5.65 -17.21 -31.08
N LYS B 69 6.49 -18.23 -31.16
CA LYS B 69 6.47 -19.19 -32.28
C LYS B 69 5.48 -20.31 -31.97
N ALA B 70 4.94 -20.35 -30.75
CA ALA B 70 4.06 -21.45 -30.31
C ALA B 70 2.60 -21.02 -30.31
N GLU B 71 1.70 -21.97 -30.50
CA GLU B 71 0.25 -21.71 -30.41
C GLU B 71 -0.39 -23.02 -29.98
N LEU B 72 -1.42 -22.93 -29.14
CA LEU B 72 -2.15 -24.14 -28.70
C LEU B 72 -2.80 -24.75 -29.96
N PRO B 73 -2.72 -26.07 -30.16
CA PRO B 73 -3.26 -26.65 -31.39
C PRO B 73 -4.78 -26.82 -31.39
N ASP B 74 -5.40 -26.63 -30.23
CA ASP B 74 -6.85 -26.82 -30.06
C ASP B 74 -7.27 -26.20 -28.73
N ASN B 75 -8.55 -26.26 -28.35
CA ASN B 75 -9.03 -25.80 -27.03
C ASN B 75 -8.64 -26.84 -25.96
N ILE B 76 -8.13 -26.45 -24.78
CA ILE B 76 -7.71 -27.38 -23.68
C ILE B 76 -8.00 -26.74 -22.33
N ILE B 77 -8.19 -27.52 -21.27
CA ILE B 77 -8.40 -26.98 -19.90
C ILE B 77 -7.08 -27.16 -19.13
N LEU B 78 -6.56 -26.09 -18.52
CA LEU B 78 -5.24 -26.10 -17.85
C LEU B 78 -5.44 -25.69 -16.40
N TYR B 79 -4.44 -25.88 -15.56
CA TYR B 79 -4.58 -25.63 -14.11
C TYR B 79 -3.41 -24.81 -13.59
N ARG B 80 -3.68 -23.97 -12.59
CA ARG B 80 -2.65 -23.09 -12.01
C ARG B 80 -2.89 -22.90 -10.52
N GLY B 81 -1.88 -23.06 -9.69
CA GLY B 81 -2.00 -22.76 -8.25
C GLY B 81 -1.45 -21.37 -7.99
N THR B 82 -2.15 -20.55 -7.23
CA THR B 82 -1.71 -19.17 -6.96
C THR B 82 -2.18 -18.70 -5.58
N SER B 83 -2.02 -17.41 -5.29
CA SER B 83 -2.38 -16.82 -4.00
C SER B 83 -3.46 -15.78 -4.20
N SER B 84 -4.26 -15.51 -3.17
CA SER B 84 -5.35 -14.51 -3.21
C SER B 84 -4.79 -13.10 -3.38
N GLU B 85 -3.49 -12.89 -3.19
CA GLU B 85 -2.86 -11.56 -3.36
C GLU B 85 -3.15 -11.02 -4.78
N ILE B 86 -3.33 -11.89 -5.77
CA ILE B 86 -3.60 -11.46 -7.16
C ILE B 86 -5.02 -10.85 -7.26
N LEU B 87 -5.85 -11.02 -6.26
CA LEU B 87 -7.27 -10.57 -6.28
C LEU B 87 -7.50 -9.39 -5.33
N ASP B 88 -6.45 -8.95 -4.64
CA ASP B 88 -6.61 -7.96 -3.54
C ASP B 88 -7.12 -6.59 -4.03
N ASN B 89 -6.83 -6.21 -5.26
CA ASN B 89 -7.33 -4.91 -5.80
C ASN B 89 -8.82 -5.04 -6.17
N PHE B 90 -9.35 -6.25 -6.26
CA PHE B 90 -10.75 -6.49 -6.69
C PHE B 90 -11.67 -6.70 -5.50
N LEU B 91 -11.15 -6.65 -4.28
CA LEU B 91 -11.96 -7.01 -3.08
C LEU B 91 -12.00 -5.93 -1.99
N ASP B 92 -13.06 -5.92 -1.20
CA ASP B 92 -13.11 -5.11 0.03
C ASP B 92 -12.44 -6.05 1.04
N LEU B 93 -11.20 -5.80 1.40
CA LEU B 93 -10.41 -6.75 2.23
C LEU B 93 -10.97 -6.91 3.65
N LYS B 94 -11.85 -6.02 4.11
CA LYS B 94 -12.49 -6.15 5.44
C LYS B 94 -13.91 -6.74 5.30
N ASN B 95 -14.44 -6.87 4.09
CA ASN B 95 -15.79 -7.45 3.83
C ASN B 95 -15.62 -8.30 2.57
N LEU B 96 -14.91 -9.41 2.70
CA LEU B 96 -14.58 -10.25 1.53
C LEU B 96 -15.82 -10.87 0.91
N ASN B 97 -16.00 -10.68 -0.39
CA ASN B 97 -17.14 -11.26 -1.14
C ASN B 97 -16.54 -11.80 -2.44
N TYR B 98 -16.14 -13.06 -2.46
CA TYR B 98 -15.44 -13.65 -3.62
C TYR B 98 -16.38 -13.80 -4.82
N GLN B 99 -17.68 -13.88 -4.59
CA GLN B 99 -18.65 -14.06 -5.70
C GLN B 99 -18.64 -12.80 -6.57
N ASN B 100 -18.24 -11.67 -6.01
CA ASN B 100 -18.22 -10.39 -6.76
C ASN B 100 -17.02 -10.33 -7.71
N LEU B 101 -16.18 -11.36 -7.71
CA LEU B 101 -15.05 -11.45 -8.67
C LEU B 101 -15.57 -11.88 -10.04
N VAL B 102 -16.76 -12.48 -10.08
CA VAL B 102 -17.30 -13.01 -11.36
C VAL B 102 -17.40 -11.85 -12.34
N GLY B 103 -16.78 -11.99 -13.51
CA GLY B 103 -16.83 -10.95 -14.56
C GLY B 103 -15.59 -10.09 -14.59
N LYS B 104 -14.76 -10.16 -13.56
CA LYS B 104 -13.49 -9.40 -13.50
C LYS B 104 -12.45 -10.09 -14.37
N THR B 105 -11.51 -9.33 -14.91
CA THR B 105 -10.42 -9.89 -15.74
C THR B 105 -9.10 -9.78 -14.97
N ILE B 106 -8.40 -10.88 -14.80
CA ILE B 106 -7.07 -10.92 -14.14
C ILE B 106 -6.04 -10.76 -15.26
N GLU B 107 -5.01 -9.97 -15.08
CA GLU B 107 -3.94 -9.85 -16.07
C GLU B 107 -2.65 -10.36 -15.45
N GLU B 108 -1.91 -11.22 -16.16
CA GLU B 108 -0.57 -11.67 -15.72
C GLU B 108 0.44 -10.99 -16.66
N LYS B 109 1.13 -9.98 -16.16
CA LYS B 109 2.10 -9.21 -16.97
C LYS B 109 3.35 -10.04 -17.22
N GLY B 110 3.62 -11.00 -16.36
CA GLY B 110 4.78 -11.88 -16.52
C GLY B 110 4.43 -13.12 -17.31
N PHE B 111 5.32 -14.09 -17.32
CA PHE B 111 5.07 -15.37 -17.98
C PHE B 111 4.11 -16.15 -17.07
N MET B 112 3.23 -16.96 -17.65
CA MET B 112 2.22 -17.70 -16.85
C MET B 112 2.37 -19.20 -17.01
N SER B 113 2.77 -19.88 -15.94
CA SER B 113 2.90 -21.34 -15.92
C SER B 113 1.56 -22.01 -15.59
N THR B 114 1.25 -23.09 -16.29
CA THR B 114 0.02 -23.88 -16.07
C THR B 114 0.39 -25.35 -16.21
N THR B 115 -0.44 -26.25 -15.73
CA THR B 115 -0.22 -27.70 -15.88
C THR B 115 -1.46 -28.29 -16.54
N THR B 116 -1.30 -29.36 -17.31
CA THR B 116 -2.41 -30.06 -17.97
C THR B 116 -3.06 -31.02 -17.00
N ILE B 117 -2.41 -31.32 -15.87
CA ILE B 117 -2.88 -32.35 -14.91
C ILE B 117 -3.62 -31.74 -13.71
N SER B 118 -4.88 -32.11 -13.54
CA SER B 118 -5.77 -31.58 -12.49
C SER B 118 -5.68 -32.39 -11.21
N ASN B 119 -5.21 -33.62 -11.31
CA ASN B 119 -5.20 -34.57 -10.17
C ASN B 119 -3.97 -34.30 -9.32
N GLN B 120 -3.89 -33.10 -8.78
CA GLN B 120 -2.75 -32.68 -7.95
C GLN B 120 -3.31 -31.75 -6.91
N THR B 121 -2.56 -31.55 -5.83
CA THR B 121 -2.92 -30.62 -4.76
C THR B 121 -1.97 -29.45 -4.96
N PHE B 122 -2.49 -28.29 -5.33
CA PHE B 122 -1.66 -27.10 -5.64
C PHE B 122 -1.29 -26.41 -4.34
N SER B 123 -0.18 -25.69 -4.34
CA SER B 123 0.28 -24.92 -3.15
C SER B 123 -0.34 -23.53 -3.23
N GLY B 124 -0.91 -23.03 -2.13
CA GLY B 124 -1.55 -21.70 -2.07
C GLY B 124 -3.04 -21.81 -1.85
N ASN B 125 -3.74 -20.68 -1.76
CA ASN B 125 -5.18 -20.67 -1.41
C ASN B 125 -6.05 -20.36 -2.63
N VAL B 126 -5.52 -20.26 -3.84
CA VAL B 126 -6.32 -20.15 -5.05
C VAL B 126 -5.91 -21.23 -6.04
N THR B 127 -6.89 -21.99 -6.51
CA THR B 127 -6.71 -22.84 -7.68
C THR B 127 -7.48 -22.25 -8.85
N MET B 128 -6.85 -22.16 -10.03
CA MET B 128 -7.50 -21.68 -11.22
C MET B 128 -7.67 -22.81 -12.23
N LYS B 129 -8.89 -22.95 -12.77
CA LYS B 129 -9.17 -23.81 -13.93
C LYS B 129 -9.32 -22.90 -15.13
N ILE B 130 -8.46 -23.06 -16.12
CA ILE B 130 -8.34 -22.15 -17.24
C ILE B 130 -8.85 -22.82 -18.50
N ASN B 131 -9.90 -22.27 -19.10
CA ASN B 131 -10.31 -22.71 -20.43
C ASN B 131 -9.46 -21.97 -21.46
N ALA B 132 -8.45 -22.65 -22.04
CA ALA B 132 -7.52 -22.00 -22.97
C ALA B 132 -7.94 -22.28 -24.41
N PRO B 133 -8.23 -21.28 -25.23
CA PRO B 133 -8.66 -21.57 -26.60
C PRO B 133 -7.51 -21.92 -27.55
N LYS B 134 -7.85 -22.71 -28.58
CA LYS B 134 -6.92 -22.93 -29.68
C LYS B 134 -6.32 -21.62 -30.16
N GLY B 135 -5.04 -21.65 -30.46
CA GLY B 135 -4.38 -20.50 -30.97
C GLY B 135 -3.77 -19.60 -29.93
N SER B 136 -3.96 -19.92 -28.65
CA SER B 136 -3.37 -19.11 -27.57
C SER B 136 -1.86 -19.24 -27.58
N LYS B 137 -1.18 -18.20 -27.06
CA LYS B 137 0.28 -18.11 -27.18
C LYS B 137 0.96 -18.81 -26.00
N GLY B 138 0.83 -20.13 -26.03
CA GLY B 138 1.43 -20.98 -25.02
C GLY B 138 2.07 -22.17 -25.69
N ALA B 139 2.98 -22.82 -24.97
CA ALA B 139 3.74 -23.94 -25.47
C ALA B 139 3.83 -25.03 -24.41
N TYR B 140 3.65 -26.27 -24.83
CA TYR B 140 3.90 -27.40 -23.94
C TYR B 140 5.40 -27.60 -23.77
N LEU B 141 5.83 -27.86 -22.54
CA LEU B 141 7.24 -27.92 -22.18
C LEU B 141 7.49 -29.32 -21.61
N ALA B 142 8.14 -30.16 -22.39
CA ALA B 142 8.55 -31.48 -21.96
C ALA B 142 10.07 -31.54 -22.02
N HIS B 143 10.68 -32.09 -20.98
CA HIS B 143 12.12 -32.30 -20.89
C HIS B 143 12.89 -31.02 -20.64
N PHE B 144 12.22 -29.93 -20.25
CA PHE B 144 12.94 -28.70 -20.00
C PHE B 144 13.30 -28.49 -18.53
N SER B 145 12.57 -29.11 -17.62
CA SER B 145 12.87 -29.01 -16.20
C SER B 145 13.60 -30.26 -15.73
N GLU B 146 14.09 -30.22 -14.50
CA GLU B 146 14.73 -31.39 -13.92
C GLU B 146 13.72 -32.42 -13.42
N THR B 147 12.42 -32.21 -13.62
CA THR B 147 11.39 -33.16 -13.21
C THR B 147 10.87 -33.84 -14.45
N PRO B 148 11.21 -35.11 -14.69
CA PRO B 148 10.83 -35.73 -15.98
C PRO B 148 9.33 -35.75 -16.23
N GLU B 149 8.52 -35.94 -15.18
CA GLU B 149 7.07 -36.02 -15.36
C GLU B 149 6.40 -34.66 -15.58
N GLU B 150 7.13 -33.56 -15.49
CA GLU B 150 6.50 -32.25 -15.49
C GLU B 150 5.66 -32.07 -16.75
N ALA B 151 4.40 -31.68 -16.56
CA ALA B 151 3.46 -31.43 -17.65
C ALA B 151 3.09 -29.94 -17.62
N GLU B 152 3.86 -29.12 -18.35
CA GLU B 152 3.75 -27.67 -18.27
C GLU B 152 3.33 -27.07 -19.61
N VAL B 153 2.43 -26.10 -19.54
CA VAL B 153 2.10 -25.23 -20.66
C VAL B 153 2.44 -23.83 -20.17
N LEU B 154 3.38 -23.18 -20.85
CA LEU B 154 3.89 -21.89 -20.44
C LEU B 154 3.41 -20.86 -21.45
N PHE B 155 2.77 -19.83 -20.94
CA PHE B 155 2.24 -18.79 -21.78
C PHE B 155 3.17 -17.60 -21.79
N ASN B 156 3.21 -16.95 -22.94
CA ASN B 156 3.93 -15.70 -23.09
C ASN B 156 3.29 -14.62 -22.19
N ILE B 157 3.98 -13.49 -22.10
CA ILE B 157 3.59 -12.44 -21.17
C ILE B 157 2.24 -11.85 -21.51
N GLY B 158 1.54 -11.35 -20.49
CA GLY B 158 0.37 -10.52 -20.71
C GLY B 158 -0.93 -11.26 -20.89
N GLN B 159 -1.02 -12.51 -20.45
CA GLN B 159 -2.28 -13.22 -20.56
C GLN B 159 -3.37 -12.54 -19.71
N LYS B 160 -4.60 -12.63 -20.19
CA LYS B 160 -5.76 -12.08 -19.52
C LYS B 160 -6.79 -13.17 -19.35
N MET B 161 -7.41 -13.21 -18.17
CA MET B 161 -8.29 -14.31 -17.78
C MET B 161 -9.59 -13.74 -17.22
N LEU B 162 -10.70 -14.07 -17.86
CA LEU B 162 -12.01 -13.61 -17.41
C LEU B 162 -12.59 -14.62 -16.43
N ILE B 163 -12.97 -14.11 -15.25
CA ILE B 163 -13.48 -14.97 -14.19
C ILE B 163 -14.94 -15.32 -14.47
N LYS B 164 -15.21 -16.61 -14.57
CA LYS B 164 -16.56 -17.10 -14.87
C LYS B 164 -17.27 -17.64 -13.64
N GLU B 165 -16.58 -18.32 -12.73
CA GLU B 165 -17.24 -18.72 -11.50
C GLU B 165 -16.22 -18.95 -10.41
N VAL B 166 -16.74 -18.93 -9.18
CA VAL B 166 -15.96 -18.94 -7.96
C VAL B 166 -16.61 -19.87 -6.95
N THR B 167 -15.79 -20.67 -6.28
CA THR B 167 -16.20 -21.52 -5.19
C THR B 167 -15.23 -21.33 -4.04
N GLU B 168 -15.74 -21.22 -2.81
CA GLU B 168 -14.91 -20.96 -1.65
C GLU B 168 -15.29 -21.92 -0.54
N LEU B 169 -14.27 -22.43 0.17
CA LEU B 169 -14.48 -23.37 1.27
C LEU B 169 -13.27 -23.32 2.20
N ASN B 170 -13.48 -22.81 3.41
CA ASN B 170 -12.44 -22.73 4.43
C ASN B 170 -11.24 -21.90 3.96
N GLY B 171 -11.51 -20.79 3.27
CA GLY B 171 -10.47 -19.92 2.80
C GLY B 171 -9.75 -20.39 1.56
N LYS B 172 -10.18 -21.50 0.96
CA LYS B 172 -9.58 -22.05 -0.24
C LYS B 172 -10.51 -21.73 -1.42
N ILE B 173 -9.98 -21.01 -2.40
CA ILE B 173 -10.78 -20.42 -3.46
C ILE B 173 -10.48 -21.13 -4.76
N GLU B 174 -11.51 -21.62 -5.42
CA GLU B 174 -11.40 -22.20 -6.75
C GLU B 174 -12.02 -21.24 -7.75
N ILE B 175 -11.29 -20.93 -8.82
CA ILE B 175 -11.71 -19.93 -9.80
C ILE B 175 -11.68 -20.58 -11.18
N ILE B 176 -12.79 -20.49 -11.91
CA ILE B 176 -12.88 -20.94 -13.31
C ILE B 176 -12.80 -19.71 -14.20
N VAL B 177 -11.85 -19.71 -15.14
CA VAL B 177 -11.60 -18.57 -16.01
C VAL B 177 -11.51 -18.97 -17.49
N ASP B 178 -11.83 -18.02 -18.35
CA ASP B 178 -11.60 -18.14 -19.78
C ASP B 178 -10.35 -17.35 -20.14
N LEU B 179 -9.40 -18.00 -20.83
CA LEU B 179 -8.21 -17.31 -21.29
C LEU B 179 -8.59 -16.50 -22.52
N LEU B 180 -8.34 -15.22 -22.50
CA LEU B 180 -8.78 -14.34 -23.57
C LEU B 180 -7.72 -14.27 -24.69
#